data_1QCX
#
_entry.id   1QCX
#
_cell.length_a   83.700
_cell.length_b   88.800
_cell.length_c   42.284
_cell.angle_alpha   90.00
_cell.angle_beta   90.00
_cell.angle_gamma   90.00
#
_symmetry.space_group_name_H-M   'P 21 21 2'
#
loop_
_entity.id
_entity.type
_entity.pdbx_description
1 polymer 'PECTIN LYASE B'
2 water water
#
_entity_poly.entity_id   1
_entity_poly.type   'polypeptide(L)'
_entity_poly.pdbx_seq_one_letter_code
;AGVVGAAEGFAHGVTGGGSASPVYPTTTDELVSYLGDNEPRVIILDQTFDFTGTEGTETTTGCAPWGTASQCQVAINLHS
WCDNYQASAPKVSVTYDKAGILPITVNSNKSIVGQGTKGVIKGKGLRVVSGAKNVIIQNIAVTDINPKYVWGGDAITVDD
SDLVWIDHVTTARIGRQHIVLGTSADNRVTISYSLIDGRSDYSATCNGHHYWGVYLDGSNDMVTLKGNYFYNLSGRMPKV
QGNTLLHAVNNLFHNFDGHAFEIGTGGYVLAEGNVFQDVNVVVETPISGQLFSSPDANTNQQCASVFGRSCQLNAFGNSG
SMSGSDTSIISKFAGKTIAAAHPPGAIAQWTMKNAGQGK
;
_entity_poly.pdbx_strand_id   A
#
# COMPACT_ATOMS: atom_id res chain seq x y z
N ALA A 1 9.73 -22.04 -9.89
CA ALA A 1 10.20 -21.44 -8.62
C ALA A 1 9.06 -21.37 -7.60
N GLY A 2 8.98 -20.27 -6.84
CA GLY A 2 7.92 -20.11 -5.85
C GLY A 2 8.20 -19.01 -4.84
N VAL A 3 7.43 -19.00 -3.77
CA VAL A 3 7.57 -18.00 -2.71
C VAL A 3 8.92 -18.12 -2.00
N VAL A 4 9.51 -17.00 -1.66
CA VAL A 4 10.78 -16.97 -0.98
C VAL A 4 10.54 -16.34 0.38
N GLY A 5 10.98 -17.02 1.44
CA GLY A 5 10.81 -16.49 2.78
C GLY A 5 9.42 -16.67 3.37
N ALA A 6 9.21 -16.06 4.53
CA ALA A 6 7.95 -16.14 5.22
C ALA A 6 7.53 -14.78 5.70
N ALA A 7 6.23 -14.58 5.86
CA ALA A 7 5.71 -13.30 6.31
C ALA A 7 6.07 -13.03 7.75
N GLU A 8 6.41 -11.78 8.02
CA GLU A 8 6.76 -11.33 9.36
C GLU A 8 5.53 -10.63 9.90
N GLY A 9 5.42 -10.54 11.22
CA GLY A 9 4.29 -9.86 11.79
C GLY A 9 2.94 -10.55 11.77
N PHE A 10 1.90 -9.74 11.71
CA PHE A 10 0.51 -10.21 11.72
C PHE A 10 0.09 -11.33 10.77
N ALA A 11 0.58 -11.33 9.53
CA ALA A 11 0.20 -12.39 8.58
C ALA A 11 1.18 -13.56 8.55
N HIS A 12 1.96 -13.75 9.61
CA HIS A 12 2.95 -14.83 9.66
C HIS A 12 2.53 -16.26 9.24
N GLY A 13 1.29 -16.64 9.49
CA GLY A 13 0.86 -17.99 9.11
C GLY A 13 0.33 -18.18 7.69
N VAL A 14 0.53 -17.19 6.82
CA VAL A 14 0.04 -17.28 5.44
C VAL A 14 0.75 -18.36 4.62
N THR A 15 -0.03 -19.14 3.87
CA THR A 15 0.52 -20.21 3.04
C THR A 15 0.27 -19.99 1.55
N GLY A 16 -0.71 -19.16 1.23
CA GLY A 16 -1.02 -18.89 -0.16
C GLY A 16 -1.45 -20.16 -0.89
N GLY A 17 -0.82 -20.45 -2.03
CA GLY A 17 -1.14 -21.64 -2.80
C GLY A 17 -0.47 -22.89 -2.29
N GLY A 18 0.29 -22.76 -1.22
CA GLY A 18 0.96 -23.91 -0.64
C GLY A 18 1.97 -24.57 -1.56
N SER A 19 1.91 -25.89 -1.63
CA SER A 19 2.82 -26.66 -2.46
C SER A 19 2.27 -27.06 -3.81
N ALA A 20 1.26 -26.32 -4.28
CA ALA A 20 0.65 -26.63 -5.58
C ALA A 20 1.73 -26.47 -6.68
N SER A 21 1.71 -27.34 -7.68
CA SER A 21 2.68 -27.27 -8.76
C SER A 21 2.46 -25.95 -9.50
N PRO A 22 3.53 -25.16 -9.68
CA PRO A 22 3.50 -23.87 -10.34
C PRO A 22 2.94 -23.81 -11.77
N VAL A 23 2.07 -22.83 -12.01
CA VAL A 23 1.46 -22.64 -13.31
C VAL A 23 2.06 -21.37 -13.90
N TYR A 24 2.31 -21.40 -15.20
CA TYR A 24 2.89 -20.28 -15.90
C TYR A 24 1.94 -19.72 -16.96
N PRO A 25 1.11 -18.74 -16.60
CA PRO A 25 0.18 -18.17 -17.58
C PRO A 25 0.92 -17.53 -18.76
N THR A 26 0.39 -17.72 -19.96
CA THR A 26 0.99 -17.18 -21.18
C THR A 26 0.29 -15.93 -21.70
N THR A 27 -0.97 -15.76 -21.30
CA THR A 27 -1.76 -14.61 -21.72
C THR A 27 -2.50 -13.98 -20.55
N THR A 28 -3.08 -12.81 -20.80
CA THR A 28 -3.82 -12.08 -19.80
C THR A 28 -5.07 -12.87 -19.41
N ASP A 29 -5.68 -13.57 -20.37
CA ASP A 29 -6.87 -14.37 -20.09
C ASP A 29 -6.53 -15.51 -19.12
N GLU A 30 -5.38 -16.17 -19.31
CA GLU A 30 -5.00 -17.27 -18.43
C GLU A 30 -4.71 -16.74 -17.02
N LEU A 31 -4.06 -15.57 -16.97
CA LEU A 31 -3.73 -14.96 -15.69
C LEU A 31 -5.03 -14.71 -14.90
N VAL A 32 -6.01 -14.08 -15.55
CA VAL A 32 -7.27 -13.78 -14.90
C VAL A 32 -7.94 -15.09 -14.40
N SER A 33 -7.92 -16.11 -15.25
CA SER A 33 -8.51 -17.40 -14.95
C SER A 33 -7.91 -18.05 -13.72
N TYR A 34 -6.59 -18.18 -13.71
CA TYR A 34 -5.90 -18.79 -12.58
C TYR A 34 -6.11 -18.04 -11.27
N LEU A 35 -6.14 -16.71 -11.34
CA LEU A 35 -6.31 -15.88 -10.17
C LEU A 35 -7.69 -16.00 -9.56
N GLY A 36 -8.69 -16.17 -10.41
CA GLY A 36 -10.04 -16.28 -9.90
C GLY A 36 -10.61 -17.65 -9.64
N ASP A 37 -9.99 -18.71 -10.15
CA ASP A 37 -10.54 -20.04 -9.92
C ASP A 37 -10.58 -20.52 -8.47
N ASN A 38 -11.32 -21.60 -8.21
CA ASN A 38 -11.46 -22.15 -6.87
C ASN A 38 -10.40 -23.12 -6.38
N GLU A 39 -9.31 -23.25 -7.13
CA GLU A 39 -8.23 -24.16 -6.75
C GLU A 39 -7.01 -23.41 -6.19
N PRO A 40 -6.28 -24.03 -5.27
CA PRO A 40 -5.09 -23.39 -4.70
C PRO A 40 -4.07 -23.35 -5.83
N ARG A 41 -3.41 -22.21 -6.04
CA ARG A 41 -2.42 -22.12 -7.11
C ARG A 41 -1.21 -21.30 -6.76
N VAL A 42 -0.12 -21.62 -7.45
CA VAL A 42 1.16 -20.93 -7.30
C VAL A 42 1.35 -20.48 -8.75
N ILE A 43 1.06 -19.22 -8.98
CA ILE A 43 1.13 -18.57 -10.29
C ILE A 43 2.44 -17.82 -10.45
N ILE A 44 3.23 -18.22 -11.44
CA ILE A 44 4.52 -17.57 -11.70
C ILE A 44 4.41 -16.63 -12.90
N LEU A 45 4.77 -15.37 -12.71
CA LEU A 45 4.70 -14.42 -13.81
C LEU A 45 6.10 -14.17 -14.35
N ASP A 46 6.37 -14.67 -15.57
CA ASP A 46 7.69 -14.48 -16.16
C ASP A 46 7.68 -13.55 -17.37
N GLN A 47 6.68 -12.68 -17.43
CA GLN A 47 6.53 -11.74 -18.52
C GLN A 47 5.57 -10.62 -18.12
N THR A 48 5.44 -9.62 -18.99
CA THR A 48 4.56 -8.50 -18.74
C THR A 48 3.17 -8.84 -19.22
N PHE A 49 2.18 -8.60 -18.37
CA PHE A 49 0.78 -8.86 -18.72
C PHE A 49 0.20 -7.45 -18.83
N ASP A 50 0.14 -6.95 -20.05
CA ASP A 50 -0.36 -5.61 -20.32
C ASP A 50 -1.85 -5.61 -20.70
N PHE A 51 -2.65 -5.04 -19.81
CA PHE A 51 -4.10 -4.92 -20.02
C PHE A 51 -4.49 -3.62 -20.69
N THR A 52 -3.52 -2.71 -20.85
CA THR A 52 -3.81 -1.42 -21.48
C THR A 52 -4.42 -1.61 -22.86
N GLY A 53 -5.53 -0.89 -23.09
CA GLY A 53 -6.22 -0.94 -24.37
C GLY A 53 -7.01 -2.19 -24.69
N THR A 54 -6.94 -3.22 -23.84
CA THR A 54 -7.67 -4.46 -24.10
C THR A 54 -9.19 -4.31 -24.01
N GLU A 55 -9.64 -3.23 -23.38
CA GLU A 55 -11.07 -2.99 -23.22
C GLU A 55 -11.42 -1.65 -23.84
N GLY A 56 -10.48 -1.10 -24.61
CA GLY A 56 -10.70 0.18 -25.27
C GLY A 56 -10.78 1.36 -24.32
N THR A 57 -11.21 2.49 -24.86
CA THR A 57 -11.34 3.72 -24.08
C THR A 57 -12.78 4.20 -24.06
N GLU A 58 -13.10 5.10 -23.14
CA GLU A 58 -14.45 5.65 -23.02
C GLU A 58 -14.28 7.12 -22.65
N THR A 59 -15.18 7.96 -23.11
CA THR A 59 -15.12 9.39 -22.80
C THR A 59 -16.27 9.62 -21.84
N THR A 60 -16.00 10.29 -20.72
CA THR A 60 -17.05 10.53 -19.75
C THR A 60 -16.86 11.86 -19.00
N THR A 61 -17.71 12.11 -18.03
CA THR A 61 -17.71 13.32 -17.23
C THR A 61 -16.72 13.25 -16.06
N GLY A 62 -16.09 14.38 -15.78
CA GLY A 62 -15.14 14.45 -14.69
C GLY A 62 -15.06 15.86 -14.19
N CYS A 63 -14.17 16.12 -13.25
CA CYS A 63 -13.99 17.46 -12.69
C CYS A 63 -12.49 17.75 -12.47
N ALA A 64 -12.13 19.02 -12.35
CA ALA A 64 -10.73 19.40 -12.15
C ALA A 64 -10.59 20.25 -10.90
N PRO A 65 -10.63 19.60 -9.72
CA PRO A 65 -10.52 20.29 -8.43
C PRO A 65 -9.14 20.78 -7.98
N TRP A 66 -8.09 20.41 -8.71
CA TRP A 66 -6.74 20.84 -8.34
C TRP A 66 -6.05 21.70 -9.38
N GLY A 67 -6.81 22.25 -10.32
CA GLY A 67 -6.20 23.08 -11.34
C GLY A 67 -6.37 22.45 -12.72
N THR A 68 -6.07 23.23 -13.76
CA THR A 68 -6.20 22.75 -15.12
C THR A 68 -4.88 22.46 -15.82
N ALA A 69 -3.75 22.78 -15.17
CA ALA A 69 -2.44 22.54 -15.74
C ALA A 69 -2.16 21.06 -15.99
N SER A 70 -1.40 20.76 -17.05
CA SER A 70 -1.08 19.38 -17.41
C SER A 70 -0.42 18.56 -16.30
N GLN A 71 0.25 19.24 -15.38
CA GLN A 71 0.93 18.57 -14.27
C GLN A 71 -0.07 18.05 -13.22
N CYS A 72 -1.30 18.55 -13.28
CA CYS A 72 -2.30 18.14 -12.32
C CYS A 72 -3.20 17.00 -12.78
N GLN A 73 -3.72 16.25 -11.81
CA GLN A 73 -4.61 15.14 -12.11
C GLN A 73 -6.00 15.74 -12.15
N VAL A 74 -6.92 15.00 -12.75
CA VAL A 74 -8.32 15.39 -12.86
C VAL A 74 -9.04 14.14 -12.33
N ALA A 75 -10.34 14.21 -12.11
CA ALA A 75 -11.03 13.05 -11.61
C ALA A 75 -12.23 12.65 -12.43
N ILE A 76 -12.48 11.35 -12.50
CA ILE A 76 -13.63 10.83 -13.23
C ILE A 76 -14.75 10.99 -12.20
N ASN A 77 -15.95 11.34 -12.63
CA ASN A 77 -17.06 11.51 -11.72
C ASN A 77 -17.68 10.16 -11.37
N LEU A 78 -16.88 9.28 -10.76
CA LEU A 78 -17.33 7.93 -10.37
C LEU A 78 -18.32 8.02 -9.22
N HIS A 79 -19.45 7.31 -9.35
CA HIS A 79 -20.51 7.30 -8.31
C HIS A 79 -20.73 8.68 -7.67
N SER A 80 -20.95 9.68 -8.54
CA SER A 80 -21.20 11.08 -8.17
C SER A 80 -20.20 11.81 -7.26
N TRP A 81 -18.92 11.41 -7.32
CA TRP A 81 -17.88 12.01 -6.50
C TRP A 81 -17.71 13.51 -6.73
N CYS A 82 -17.68 13.94 -7.98
CA CYS A 82 -17.51 15.35 -8.30
C CYS A 82 -18.70 16.18 -7.82
N ASP A 83 -19.90 15.60 -7.88
CA ASP A 83 -21.12 16.28 -7.46
C ASP A 83 -21.27 16.38 -5.95
N ASN A 84 -20.87 15.32 -5.26
CA ASN A 84 -20.96 15.27 -3.81
C ASN A 84 -19.81 15.88 -3.03
N TYR A 85 -18.58 15.64 -3.49
CA TYR A 85 -17.40 16.17 -2.81
C TYR A 85 -16.65 17.34 -3.39
N GLN A 86 -16.88 17.67 -4.66
CA GLN A 86 -16.19 18.81 -5.29
C GLN A 86 -17.15 19.63 -6.12
N ALA A 87 -18.30 19.97 -5.53
CA ALA A 87 -19.32 20.75 -6.22
C ALA A 87 -18.90 22.06 -6.89
N SER A 88 -17.92 22.75 -6.32
CA SER A 88 -17.46 24.02 -6.89
C SER A 88 -16.38 23.89 -7.96
N ALA A 89 -15.92 22.66 -8.20
CA ALA A 89 -14.87 22.40 -9.20
C ALA A 89 -15.40 22.36 -10.63
N PRO A 90 -14.58 22.83 -11.58
CA PRO A 90 -14.99 22.85 -12.99
C PRO A 90 -15.17 21.43 -13.55
N LYS A 91 -16.25 21.26 -14.29
CA LYS A 91 -16.58 19.99 -14.93
C LYS A 91 -15.80 19.84 -16.25
N VAL A 92 -15.09 18.74 -16.42
CA VAL A 92 -14.30 18.51 -17.65
C VAL A 92 -14.62 17.16 -18.30
N SER A 93 -14.19 16.99 -19.54
CA SER A 93 -14.41 15.74 -20.29
C SER A 93 -13.15 14.91 -20.15
N VAL A 94 -13.30 13.62 -19.87
CA VAL A 94 -12.13 12.76 -19.71
C VAL A 94 -12.24 11.47 -20.51
N THR A 95 -11.14 11.08 -21.13
CA THR A 95 -11.05 9.87 -21.93
C THR A 95 -10.07 8.97 -21.18
N TYR A 96 -10.59 7.90 -20.62
CA TYR A 96 -9.78 6.96 -19.85
C TYR A 96 -9.73 5.55 -20.44
N ASP A 97 -8.74 4.78 -20.01
CA ASP A 97 -8.57 3.41 -20.48
C ASP A 97 -9.52 2.59 -19.59
N LYS A 98 -10.52 1.95 -20.20
CA LYS A 98 -11.50 1.16 -19.48
C LYS A 98 -11.00 -0.01 -18.59
N ALA A 99 -9.89 -0.65 -18.97
CA ALA A 99 -9.36 -1.77 -18.20
C ALA A 99 -8.96 -1.46 -16.76
N GLY A 100 -8.70 -0.20 -16.44
CA GLY A 100 -8.29 0.12 -15.09
C GLY A 100 -9.39 0.19 -14.04
N ILE A 101 -10.62 0.38 -14.48
CA ILE A 101 -11.75 0.48 -13.56
C ILE A 101 -12.03 -0.70 -12.64
N LEU A 102 -12.13 -1.90 -13.21
CA LEU A 102 -12.39 -3.11 -12.43
C LEU A 102 -11.15 -3.98 -12.30
N PRO A 103 -10.61 -4.08 -11.08
CA PRO A 103 -9.40 -4.89 -10.88
C PRO A 103 -9.70 -6.39 -11.06
N ILE A 104 -8.65 -7.17 -11.25
CA ILE A 104 -8.79 -8.63 -11.43
C ILE A 104 -9.12 -9.20 -10.05
N THR A 105 -10.12 -10.08 -9.99
CA THR A 105 -10.51 -10.68 -8.74
C THR A 105 -9.59 -11.87 -8.38
N VAL A 106 -9.03 -11.84 -7.17
CA VAL A 106 -8.13 -12.87 -6.69
C VAL A 106 -8.88 -13.68 -5.64
N ASN A 107 -9.07 -14.97 -5.91
CA ASN A 107 -9.76 -15.87 -4.99
C ASN A 107 -8.83 -16.33 -3.88
N SER A 108 -9.32 -17.19 -3.00
CA SER A 108 -8.50 -17.70 -1.90
C SER A 108 -7.38 -18.63 -2.27
N ASN A 109 -6.43 -18.75 -1.35
CA ASN A 109 -5.28 -19.62 -1.50
C ASN A 109 -4.45 -19.49 -2.77
N LYS A 110 -3.88 -18.32 -2.98
CA LYS A 110 -3.05 -18.10 -4.17
C LYS A 110 -1.71 -17.50 -3.80
N SER A 111 -0.70 -17.85 -4.57
CA SER A 111 0.66 -17.35 -4.39
C SER A 111 0.95 -16.78 -5.77
N ILE A 112 1.06 -15.46 -5.87
CA ILE A 112 1.34 -14.79 -7.17
C ILE A 112 2.80 -14.36 -7.02
N VAL A 113 3.69 -15.01 -7.77
CA VAL A 113 5.11 -14.70 -7.70
C VAL A 113 5.76 -14.31 -9.02
N GLY A 114 6.49 -13.20 -9.01
CA GLY A 114 7.17 -12.74 -10.20
C GLY A 114 8.55 -13.39 -10.29
N GLN A 115 8.98 -13.71 -11.50
CA GLN A 115 10.28 -14.34 -11.73
C GLN A 115 11.29 -13.23 -12.07
N GLY A 116 12.28 -13.05 -11.20
CA GLY A 116 13.29 -12.03 -11.43
C GLY A 116 12.73 -10.64 -11.52
N THR A 117 13.03 -9.95 -12.62
CA THR A 117 12.53 -8.60 -12.84
C THR A 117 11.47 -8.58 -13.96
N LYS A 118 11.01 -9.75 -14.36
CA LYS A 118 10.01 -9.86 -15.43
C LYS A 118 8.53 -9.85 -15.08
N GLY A 119 8.19 -10.17 -13.84
CA GLY A 119 6.77 -10.19 -13.44
C GLY A 119 6.15 -8.84 -13.34
N VAL A 120 5.45 -8.40 -14.38
CA VAL A 120 4.80 -7.09 -14.38
C VAL A 120 3.36 -7.12 -14.88
N ILE A 121 2.50 -6.39 -14.21
CA ILE A 121 1.08 -6.31 -14.58
C ILE A 121 0.84 -4.81 -14.85
N LYS A 122 0.35 -4.49 -16.04
CA LYS A 122 0.08 -3.09 -16.38
C LYS A 122 -1.37 -2.91 -16.79
N GLY A 123 -1.89 -1.71 -16.53
CA GLY A 123 -3.25 -1.37 -16.89
C GLY A 123 -4.44 -1.83 -16.08
N LYS A 124 -4.28 -2.81 -15.19
CA LYS A 124 -5.41 -3.29 -14.39
C LYS A 124 -4.79 -3.79 -13.08
N GLY A 125 -5.45 -3.51 -11.96
CA GLY A 125 -4.92 -3.95 -10.67
C GLY A 125 -5.45 -5.29 -10.21
N LEU A 126 -5.24 -5.57 -8.91
CA LEU A 126 -5.67 -6.82 -8.28
C LEU A 126 -6.55 -6.50 -7.08
N ARG A 127 -7.53 -7.35 -6.82
CA ARG A 127 -8.40 -7.14 -5.67
C ARG A 127 -8.69 -8.44 -4.96
N VAL A 128 -8.50 -8.44 -3.65
CA VAL A 128 -8.75 -9.63 -2.81
C VAL A 128 -9.99 -9.17 -2.03
N VAL A 129 -11.16 -9.56 -2.51
CA VAL A 129 -12.41 -9.17 -1.87
C VAL A 129 -13.39 -10.31 -1.58
N SER A 130 -14.54 -9.94 -1.03
CA SER A 130 -15.61 -10.88 -0.69
C SER A 130 -15.28 -12.16 0.08
N GLY A 131 -14.47 -12.04 1.13
CA GLY A 131 -14.11 -13.19 1.91
C GLY A 131 -12.93 -14.00 1.43
N ALA A 132 -12.31 -13.58 0.31
CA ALA A 132 -11.16 -14.33 -0.20
C ALA A 132 -10.05 -14.15 0.82
N LYS A 133 -9.33 -15.22 1.14
CA LYS A 133 -8.25 -15.13 2.12
C LYS A 133 -7.06 -16.02 1.80
N ASN A 134 -5.97 -15.83 2.56
CA ASN A 134 -4.74 -16.60 2.39
C ASN A 134 -4.11 -16.37 1.01
N VAL A 135 -3.65 -15.15 0.79
CA VAL A 135 -3.05 -14.78 -0.49
C VAL A 135 -1.65 -14.17 -0.30
N ILE A 136 -0.73 -14.56 -1.18
CA ILE A 136 0.63 -14.06 -1.16
C ILE A 136 0.89 -13.41 -2.51
N ILE A 137 1.32 -12.15 -2.48
CA ILE A 137 1.61 -11.40 -3.70
C ILE A 137 3.07 -11.03 -3.52
N GLN A 138 3.95 -11.66 -4.28
CA GLN A 138 5.38 -11.38 -4.14
C GLN A 138 6.19 -11.18 -5.41
N ASN A 139 7.09 -10.20 -5.35
CA ASN A 139 7.99 -9.87 -6.45
C ASN A 139 7.37 -9.51 -7.81
N ILE A 140 6.34 -8.68 -7.79
CA ILE A 140 5.71 -8.26 -9.04
C ILE A 140 5.56 -6.75 -9.03
N ALA A 141 5.34 -6.17 -10.20
CA ALA A 141 5.16 -4.73 -10.32
C ALA A 141 3.76 -4.55 -10.89
N VAL A 142 3.00 -3.59 -10.36
CA VAL A 142 1.65 -3.31 -10.83
C VAL A 142 1.79 -1.84 -11.17
N THR A 143 1.85 -1.52 -12.46
CA THR A 143 2.00 -0.12 -12.85
C THR A 143 1.13 0.34 -14.00
N ASP A 144 1.21 1.63 -14.28
CA ASP A 144 0.47 2.28 -15.36
C ASP A 144 -1.03 2.03 -15.48
N ILE A 145 -1.78 2.54 -14.52
CA ILE A 145 -3.23 2.39 -14.51
C ILE A 145 -3.82 3.78 -14.47
N ASN A 146 -4.17 4.32 -15.65
CA ASN A 146 -4.76 5.67 -15.77
C ASN A 146 -4.15 6.70 -14.80
N PRO A 147 -2.85 6.99 -14.92
CA PRO A 147 -2.12 7.94 -14.06
C PRO A 147 -2.73 9.33 -13.87
N LYS A 148 -3.31 9.88 -14.94
CA LYS A 148 -3.89 11.21 -14.90
C LYS A 148 -5.26 11.31 -14.22
N TYR A 149 -5.92 10.17 -14.05
CA TYR A 149 -7.23 10.15 -13.45
C TYR A 149 -7.52 9.52 -12.10
N VAL A 150 -8.04 10.33 -11.20
CA VAL A 150 -8.41 9.87 -9.86
C VAL A 150 -9.70 9.09 -10.16
N TRP A 151 -9.80 7.88 -9.61
CA TRP A 151 -10.93 6.97 -9.78
C TRP A 151 -10.76 6.18 -11.09
N GLY A 152 -9.59 6.33 -11.71
CA GLY A 152 -9.29 5.63 -12.94
C GLY A 152 -8.68 4.26 -12.63
N GLY A 153 -8.48 3.98 -11.35
CA GLY A 153 -7.92 2.70 -10.95
C GLY A 153 -7.05 2.67 -9.70
N ASP A 154 -7.18 1.58 -8.93
CA ASP A 154 -6.40 1.35 -7.70
C ASP A 154 -5.54 0.15 -8.03
N ALA A 155 -4.31 0.12 -7.53
CA ALA A 155 -3.41 -0.99 -7.79
C ALA A 155 -3.72 -2.29 -7.04
N ILE A 156 -3.70 -2.22 -5.71
CA ILE A 156 -3.97 -3.39 -4.90
C ILE A 156 -5.07 -3.05 -3.89
N THR A 157 -6.16 -3.80 -3.97
CA THR A 157 -7.32 -3.61 -3.10
C THR A 157 -7.58 -4.85 -2.27
N VAL A 158 -7.83 -4.63 -0.99
CA VAL A 158 -8.12 -5.72 -0.06
C VAL A 158 -9.36 -5.23 0.71
N ASP A 159 -10.45 -5.99 0.63
CA ASP A 159 -11.70 -5.64 1.29
C ASP A 159 -12.46 -6.92 1.64
N ASP A 160 -12.52 -7.22 2.94
CA ASP A 160 -13.21 -8.41 3.49
C ASP A 160 -12.24 -9.56 3.20
N SER A 161 -11.26 -9.73 4.07
CA SER A 161 -10.26 -10.78 3.89
C SER A 161 -9.53 -11.10 5.19
N ASP A 162 -8.42 -11.84 5.04
CA ASP A 162 -7.55 -12.28 6.14
C ASP A 162 -6.33 -12.93 5.52
N LEU A 163 -5.21 -12.88 6.24
CA LEU A 163 -3.96 -13.46 5.79
C LEU A 163 -3.49 -13.08 4.39
N VAL A 164 -3.13 -11.81 4.23
CA VAL A 164 -2.66 -11.32 2.93
C VAL A 164 -1.23 -10.81 3.17
N TRP A 165 -0.32 -11.24 2.30
CA TRP A 165 1.07 -10.85 2.40
C TRP A 165 1.49 -10.26 1.07
N ILE A 166 1.79 -8.97 1.08
CA ILE A 166 2.23 -8.21 -0.11
C ILE A 166 3.72 -8.00 0.19
N ASP A 167 4.57 -8.60 -0.63
CA ASP A 167 6.01 -8.52 -0.43
C ASP A 167 6.82 -8.26 -1.69
N HIS A 168 7.82 -7.40 -1.58
CA HIS A 168 8.69 -7.06 -2.70
C HIS A 168 7.92 -6.66 -3.97
N VAL A 169 6.87 -5.86 -3.77
CA VAL A 169 6.06 -5.41 -4.89
C VAL A 169 6.44 -3.96 -5.18
N THR A 170 6.27 -3.52 -6.43
CA THR A 170 6.55 -2.15 -6.81
C THR A 170 5.28 -1.63 -7.49
N THR A 171 4.77 -0.50 -6.99
CA THR A 171 3.58 0.07 -7.58
C THR A 171 4.01 1.45 -8.09
N ALA A 172 3.53 1.84 -9.28
CA ALA A 172 3.89 3.13 -9.84
C ALA A 172 2.93 3.58 -10.94
N ARG A 173 2.81 4.90 -11.07
CA ARG A 173 1.93 5.51 -12.09
C ARG A 173 0.51 4.95 -12.07
N ILE A 174 -0.16 5.18 -10.96
CA ILE A 174 -1.53 4.72 -10.73
C ILE A 174 -2.45 5.93 -10.54
N GLY A 175 -3.66 5.85 -11.06
CA GLY A 175 -4.62 6.94 -10.95
C GLY A 175 -4.98 7.30 -9.53
N ARG A 176 -5.34 6.33 -8.72
CA ARG A 176 -5.70 6.63 -7.33
C ARG A 176 -4.80 5.86 -6.35
N GLN A 177 -5.38 5.06 -5.45
CA GLN A 177 -4.58 4.31 -4.46
C GLN A 177 -3.66 3.21 -4.92
N HIS A 178 -2.45 3.17 -4.36
CA HIS A 178 -1.51 2.14 -4.70
C HIS A 178 -1.99 0.91 -3.92
N ILE A 179 -2.34 1.11 -2.64
CA ILE A 179 -2.84 0.04 -1.78
C ILE A 179 -4.00 0.62 -0.99
N VAL A 180 -5.12 -0.09 -0.99
CA VAL A 180 -6.31 0.36 -0.27
C VAL A 180 -6.99 -0.81 0.43
N LEU A 181 -7.20 -0.67 1.74
CA LEU A 181 -7.84 -1.67 2.57
C LEU A 181 -9.15 -1.15 3.18
N GLY A 182 -10.18 -2.00 3.23
CA GLY A 182 -11.46 -1.59 3.80
C GLY A 182 -12.58 -1.43 2.79
N THR A 183 -13.79 -1.06 3.23
CA THR A 183 -14.13 -0.78 4.62
C THR A 183 -14.49 -1.97 5.52
N SER A 184 -14.52 -3.16 4.96
CA SER A 184 -14.84 -4.36 5.74
C SER A 184 -13.57 -4.79 6.49
N ALA A 185 -13.68 -5.86 7.28
CA ALA A 185 -12.54 -6.35 8.05
C ALA A 185 -11.52 -7.06 7.16
N ASP A 186 -10.25 -6.70 7.29
CA ASP A 186 -9.17 -7.32 6.51
C ASP A 186 -8.25 -8.18 7.39
N ASN A 187 -8.51 -8.12 8.69
CA ASN A 187 -7.76 -8.89 9.68
C ASN A 187 -6.23 -8.83 9.58
N ARG A 188 -5.58 -9.99 9.47
CA ARG A 188 -4.11 -10.05 9.39
C ARG A 188 -3.49 -9.75 8.03
N VAL A 189 -2.75 -8.65 7.96
CA VAL A 189 -2.10 -8.22 6.73
C VAL A 189 -0.69 -7.74 6.98
N THR A 190 0.23 -8.14 6.10
CA THR A 190 1.64 -7.74 6.19
C THR A 190 2.07 -7.23 4.80
N ILE A 191 2.56 -5.99 4.78
CA ILE A 191 3.03 -5.34 3.55
C ILE A 191 4.48 -5.12 3.87
N SER A 192 5.35 -5.81 3.15
CA SER A 192 6.79 -5.66 3.42
C SER A 192 7.73 -5.57 2.23
N TYR A 193 8.86 -4.92 2.49
CA TYR A 193 9.94 -4.72 1.52
C TYR A 193 9.43 -4.33 0.11
N SER A 194 8.44 -3.46 0.06
CA SER A 194 7.87 -3.01 -1.19
C SER A 194 8.27 -1.58 -1.48
N LEU A 195 8.14 -1.17 -2.74
CA LEU A 195 8.48 0.18 -3.17
C LEU A 195 7.23 0.84 -3.69
N ILE A 196 6.82 1.93 -3.05
CA ILE A 196 5.65 2.68 -3.46
C ILE A 196 6.27 3.89 -4.15
N ASP A 197 6.40 3.79 -5.47
CA ASP A 197 6.99 4.86 -6.27
C ASP A 197 5.95 5.91 -6.61
N GLY A 198 6.03 7.06 -5.94
CA GLY A 198 5.10 8.14 -6.16
C GLY A 198 5.41 9.12 -7.27
N ARG A 199 6.47 8.91 -8.03
CA ARG A 199 6.84 9.81 -9.12
C ARG A 199 5.81 9.64 -10.24
N SER A 200 5.18 10.73 -10.66
CA SER A 200 4.21 10.64 -11.73
C SER A 200 4.13 11.96 -12.47
N ASP A 201 3.76 11.89 -13.75
CA ASP A 201 3.64 13.07 -14.59
C ASP A 201 2.41 13.87 -14.20
N TYR A 202 1.44 13.22 -13.57
CA TYR A 202 0.21 13.88 -13.16
C TYR A 202 0.04 13.68 -11.65
N SER A 203 -0.21 14.77 -10.92
CA SER A 203 -0.36 14.70 -9.47
C SER A 203 -1.50 15.57 -8.95
N ALA A 204 -2.18 15.11 -7.91
CA ALA A 204 -3.29 15.88 -7.33
C ALA A 204 -2.72 17.15 -6.65
N THR A 205 -1.42 17.16 -6.39
CA THR A 205 -0.77 18.31 -5.76
C THR A 205 0.07 19.05 -6.81
N CYS A 206 -0.14 18.69 -8.08
CA CYS A 206 0.55 19.26 -9.25
C CYS A 206 2.06 19.44 -9.10
N ASN A 207 2.71 18.53 -8.39
CA ASN A 207 4.15 18.62 -8.15
C ASN A 207 4.93 17.33 -8.41
N GLY A 208 4.39 16.44 -9.24
CA GLY A 208 5.09 15.20 -9.53
C GLY A 208 5.11 14.18 -8.40
N HIS A 209 4.39 14.46 -7.32
CA HIS A 209 4.30 13.56 -6.13
C HIS A 209 2.90 12.98 -6.05
N HIS A 210 2.80 11.67 -5.86
CA HIS A 210 1.50 11.01 -5.77
C HIS A 210 0.84 11.25 -4.40
N TYR A 211 -0.44 11.61 -4.42
CA TYR A 211 -1.20 11.89 -3.20
C TYR A 211 -1.94 10.71 -2.57
N TRP A 212 -2.30 9.73 -3.39
CA TRP A 212 -3.04 8.56 -2.91
C TRP A 212 -2.16 7.34 -2.70
N GLY A 213 -1.45 7.33 -1.57
CA GLY A 213 -0.57 6.23 -1.28
C GLY A 213 -1.15 4.92 -0.79
N VAL A 214 -1.20 4.84 0.54
CA VAL A 214 -1.69 3.66 1.22
C VAL A 214 -2.83 4.13 2.14
N TYR A 215 -4.02 3.56 1.94
CA TYR A 215 -5.18 3.92 2.74
C TYR A 215 -5.69 2.69 3.48
N LEU A 216 -5.51 2.71 4.79
CA LEU A 216 -5.92 1.61 5.67
C LEU A 216 -7.22 2.07 6.34
N ASP A 217 -8.34 1.62 5.78
CA ASP A 217 -9.67 1.96 6.26
C ASP A 217 -10.55 0.75 6.64
N GLY A 218 -9.93 -0.34 7.06
CA GLY A 218 -10.67 -1.53 7.45
C GLY A 218 -11.30 -1.42 8.83
N SER A 219 -12.28 -2.28 9.10
CA SER A 219 -13.00 -2.28 10.37
C SER A 219 -12.51 -3.19 11.50
N ASN A 220 -11.52 -4.02 11.21
CA ASN A 220 -10.93 -4.94 12.21
C ASN A 220 -9.67 -5.42 11.53
N ASP A 221 -8.69 -4.52 11.47
CA ASP A 221 -7.41 -4.79 10.84
C ASP A 221 -6.16 -4.74 11.71
N MET A 222 -5.20 -5.58 11.38
CA MET A 222 -3.93 -5.67 12.09
C MET A 222 -2.92 -5.72 10.97
N VAL A 223 -2.28 -4.60 10.72
CA VAL A 223 -1.32 -4.48 9.65
C VAL A 223 0.13 -4.24 10.02
N THR A 224 1.02 -5.04 9.46
CA THR A 224 2.46 -4.89 9.72
C THR A 224 2.99 -4.23 8.45
N LEU A 225 3.65 -3.09 8.59
CA LEU A 225 4.19 -2.37 7.46
C LEU A 225 5.69 -2.34 7.74
N LYS A 226 6.43 -3.24 7.10
CA LYS A 226 7.86 -3.30 7.33
C LYS A 226 8.83 -3.26 6.16
N GLY A 227 9.92 -2.52 6.35
CA GLY A 227 10.98 -2.40 5.37
C GLY A 227 10.64 -1.91 3.99
N ASN A 228 9.59 -1.11 3.91
CA ASN A 228 9.18 -0.56 2.62
C ASN A 228 9.88 0.76 2.33
N TYR A 229 9.85 1.14 1.06
CA TYR A 229 10.45 2.38 0.58
C TYR A 229 9.25 3.18 0.02
N PHE A 230 8.87 4.22 0.74
CA PHE A 230 7.74 5.09 0.36
C PHE A 230 8.48 6.28 -0.24
N TYR A 231 8.45 6.35 -1.56
CA TYR A 231 9.15 7.40 -2.27
C TYR A 231 8.36 8.42 -3.08
N ASN A 232 8.68 9.71 -2.87
CA ASN A 232 8.03 10.78 -3.63
C ASN A 232 6.52 10.93 -3.55
N LEU A 233 5.95 10.91 -2.36
CA LEU A 233 4.49 11.05 -2.21
C LEU A 233 4.16 12.42 -1.58
N SER A 234 2.88 12.79 -1.56
CA SER A 234 2.48 14.07 -0.99
C SER A 234 1.32 13.94 0.02
N GLY A 235 0.79 12.74 0.18
CA GLY A 235 -0.30 12.55 1.12
C GLY A 235 -0.67 11.08 1.26
N ARG A 236 -1.62 10.81 2.15
CA ARG A 236 -2.11 9.45 2.42
C ARG A 236 -0.99 8.44 2.38
N MET A 237 0.00 8.65 3.23
CA MET A 237 1.12 7.73 3.25
C MET A 237 1.68 7.43 4.64
N PRO A 238 0.94 6.67 5.45
CA PRO A 238 -0.37 6.12 5.11
C PRO A 238 -1.51 6.85 5.82
N LYS A 239 -2.72 6.69 5.30
CA LYS A 239 -3.90 7.30 5.91
C LYS A 239 -4.47 6.10 6.67
N VAL A 240 -4.56 6.23 7.99
CA VAL A 240 -5.06 5.16 8.86
C VAL A 240 -6.28 5.57 9.69
N GLN A 241 -7.33 4.74 9.65
CA GLN A 241 -8.56 4.97 10.40
C GLN A 241 -9.40 3.69 10.41
N GLY A 242 -10.66 3.77 10.87
CA GLY A 242 -11.54 2.61 10.92
C GLY A 242 -11.35 1.95 12.27
N ASN A 243 -10.65 0.83 12.26
CA ASN A 243 -10.34 0.07 13.48
C ASN A 243 -9.14 -0.72 13.01
N THR A 244 -8.05 0.02 12.85
CA THR A 244 -6.79 -0.55 12.37
C THR A 244 -5.60 -0.34 13.30
N LEU A 245 -4.95 -1.45 13.62
CA LEU A 245 -3.79 -1.43 14.49
C LEU A 245 -2.66 -1.51 13.46
N LEU A 246 -1.84 -0.47 13.39
CA LEU A 246 -0.73 -0.44 12.44
C LEU A 246 0.64 -0.44 13.10
N HIS A 247 1.47 -1.39 12.71
CA HIS A 247 2.80 -1.49 13.24
C HIS A 247 3.72 -1.05 12.09
N ALA A 248 4.14 0.22 12.11
CA ALA A 248 5.01 0.78 11.08
C ALA A 248 6.46 0.67 11.57
N VAL A 249 7.18 -0.30 11.03
CA VAL A 249 8.57 -0.56 11.40
C VAL A 249 9.58 -0.53 10.25
N ASN A 250 10.73 0.07 10.54
CA ASN A 250 11.85 0.20 9.60
C ASN A 250 11.53 0.53 8.13
N ASN A 251 10.66 1.50 7.91
CA ASN A 251 10.32 1.90 6.54
C ASN A 251 11.09 3.20 6.27
N LEU A 252 11.36 3.50 5.00
CA LEU A 252 12.07 4.71 4.61
C LEU A 252 11.01 5.60 3.91
N PHE A 253 10.81 6.81 4.42
CA PHE A 253 9.86 7.77 3.85
C PHE A 253 10.84 8.76 3.25
N HIS A 254 10.76 8.99 1.94
CA HIS A 254 11.69 9.88 1.28
C HIS A 254 11.14 10.82 0.23
N ASN A 255 11.52 12.09 0.34
CA ASN A 255 11.12 13.14 -0.59
C ASN A 255 9.63 13.39 -0.69
N PHE A 256 9.03 13.85 0.42
CA PHE A 256 7.59 14.15 0.45
C PHE A 256 7.36 15.66 0.49
N ASP A 257 6.87 16.23 -0.61
CA ASP A 257 6.59 17.65 -0.66
C ASP A 257 5.10 17.62 -0.36
N GLY A 258 4.81 17.42 0.92
CA GLY A 258 3.44 17.35 1.41
C GLY A 258 3.52 16.60 2.75
N HIS A 259 2.64 15.63 2.97
CA HIS A 259 2.66 14.89 4.24
C HIS A 259 2.63 13.38 4.11
N ALA A 260 2.94 12.72 5.23
CA ALA A 260 2.95 11.27 5.28
C ALA A 260 1.73 10.73 6.03
N PHE A 261 1.81 10.59 7.35
CA PHE A 261 0.69 10.07 8.14
C PHE A 261 -0.53 10.96 8.31
N GLU A 262 -1.70 10.31 8.31
CA GLU A 262 -3.02 10.93 8.49
C GLU A 262 -3.64 9.87 9.40
N ILE A 263 -3.64 10.14 10.71
CA ILE A 263 -4.19 9.21 11.69
C ILE A 263 -5.58 9.65 12.16
N GLY A 264 -6.61 8.99 11.64
CA GLY A 264 -7.97 9.32 12.01
C GLY A 264 -8.53 8.49 13.16
N THR A 265 -9.80 8.72 13.44
CA THR A 265 -10.47 8.00 14.50
C THR A 265 -10.43 6.50 14.18
N GLY A 266 -10.00 5.71 15.15
CA GLY A 266 -9.93 4.28 14.95
C GLY A 266 -8.57 3.82 14.45
N GLY A 267 -7.65 4.76 14.29
CA GLY A 267 -6.32 4.41 13.83
C GLY A 267 -5.42 4.39 15.04
N TYR A 268 -4.72 3.26 15.25
CA TYR A 268 -3.80 3.09 16.38
C TYR A 268 -2.47 2.78 15.72
N VAL A 269 -1.52 3.69 15.83
CA VAL A 269 -0.22 3.49 15.22
C VAL A 269 0.98 3.38 16.14
N LEU A 270 1.79 2.36 15.93
CA LEU A 270 3.00 2.13 16.72
C LEU A 270 4.09 2.29 15.65
N ALA A 271 4.84 3.38 15.70
CA ALA A 271 5.88 3.63 14.72
C ALA A 271 7.25 3.57 15.37
N GLU A 272 8.12 2.71 14.85
CA GLU A 272 9.47 2.57 15.38
C GLU A 272 10.48 2.25 14.29
N GLY A 273 11.70 2.74 14.48
CA GLY A 273 12.77 2.50 13.54
C GLY A 273 12.63 2.98 12.10
N ASN A 274 11.72 3.90 11.84
CA ASN A 274 11.54 4.41 10.47
C ASN A 274 12.50 5.57 10.25
N VAL A 275 12.77 5.87 9.00
CA VAL A 275 13.66 6.97 8.66
C VAL A 275 12.84 7.91 7.78
N PHE A 276 12.82 9.20 8.13
CA PHE A 276 12.10 10.23 7.39
C PHE A 276 13.15 11.14 6.80
N GLN A 277 13.28 11.13 5.49
CA GLN A 277 14.26 11.97 4.83
C GLN A 277 13.54 12.90 3.86
N ASP A 278 13.68 14.20 4.09
CA ASP A 278 13.06 15.23 3.26
C ASP A 278 11.53 15.09 3.18
N VAL A 279 10.91 14.86 4.34
CA VAL A 279 9.46 14.71 4.41
C VAL A 279 8.99 15.99 5.12
N ASN A 280 8.32 16.89 4.40
CA ASN A 280 7.85 18.13 5.00
C ASN A 280 7.04 17.97 6.28
N VAL A 281 5.91 17.27 6.20
CA VAL A 281 5.06 17.06 7.36
C VAL A 281 4.98 15.55 7.57
N VAL A 282 5.53 15.09 8.69
CA VAL A 282 5.54 13.66 9.02
C VAL A 282 4.16 13.15 9.42
N VAL A 283 3.44 13.95 10.19
CA VAL A 283 2.11 13.59 10.62
C VAL A 283 1.23 14.85 10.61
N GLU A 284 0.03 14.76 10.05
CA GLU A 284 -0.89 15.90 10.01
C GLU A 284 -1.46 16.03 11.40
N THR A 285 -1.38 17.22 11.97
CA THR A 285 -1.92 17.46 13.31
C THR A 285 -3.06 18.46 13.21
N PRO A 286 -4.07 18.33 14.09
CA PRO A 286 -4.25 17.34 15.15
C PRO A 286 -4.64 15.93 14.69
N ILE A 287 -4.15 14.96 15.45
CA ILE A 287 -4.37 13.54 15.23
C ILE A 287 -5.68 13.16 15.91
N SER A 288 -6.53 12.45 15.20
CA SER A 288 -7.82 12.01 15.75
C SER A 288 -7.74 10.60 16.31
N GLY A 289 -6.69 9.89 15.93
CA GLY A 289 -6.49 8.53 16.39
C GLY A 289 -5.45 8.50 17.50
N GLN A 290 -4.76 7.38 17.68
CA GLN A 290 -3.74 7.25 18.73
C GLN A 290 -2.38 6.97 18.12
N LEU A 291 -1.33 7.46 18.78
CA LEU A 291 0.03 7.27 18.29
C LEU A 291 1.12 7.08 19.34
N PHE A 292 1.96 6.08 19.10
CA PHE A 292 3.09 5.79 19.98
C PHE A 292 4.21 5.83 18.93
N SER A 293 4.96 6.93 18.90
CA SER A 293 6.05 7.08 17.94
C SER A 293 7.44 6.76 18.46
N SER A 294 7.52 5.96 19.52
CA SER A 294 8.81 5.58 20.13
C SER A 294 9.68 6.85 20.23
N PRO A 295 9.17 7.89 20.93
CA PRO A 295 9.82 9.18 21.12
C PRO A 295 11.20 9.35 21.74
N ASP A 296 11.58 8.47 22.66
CA ASP A 296 12.90 8.55 23.32
C ASP A 296 13.27 7.20 23.97
N ALA A 297 14.56 6.95 24.15
CA ALA A 297 15.06 5.71 24.75
C ALA A 297 14.41 5.25 26.03
N ASN A 298 14.04 6.19 26.89
CA ASN A 298 13.40 5.82 28.14
C ASN A 298 11.99 5.35 27.94
N THR A 299 11.20 6.13 27.21
CA THR A 299 9.80 5.77 26.96
C THR A 299 9.76 4.48 26.13
N ASN A 300 10.79 4.26 25.32
CA ASN A 300 10.85 3.05 24.49
C ASN A 300 11.00 1.74 25.29
N GLN A 301 11.48 1.85 26.53
CA GLN A 301 11.65 0.67 27.36
C GLN A 301 10.28 0.10 27.74
N GLN A 302 9.24 0.93 27.67
CA GLN A 302 7.89 0.50 28.01
C GLN A 302 7.39 -0.62 27.12
N CYS A 303 8.03 -0.81 25.97
CA CYS A 303 7.60 -1.86 25.05
C CYS A 303 8.08 -3.23 25.51
N ALA A 304 9.14 -3.24 26.32
CA ALA A 304 9.73 -4.46 26.82
C ALA A 304 8.85 -5.53 27.47
N SER A 305 7.96 -5.12 28.37
CA SER A 305 7.10 -6.09 29.03
C SER A 305 6.21 -6.93 28.12
N VAL A 306 5.77 -6.36 26.99
CA VAL A 306 4.92 -7.14 26.07
C VAL A 306 5.68 -7.58 24.82
N PHE A 307 6.57 -6.74 24.31
CA PHE A 307 7.36 -7.05 23.12
C PHE A 307 8.54 -7.97 23.39
N GLY A 308 9.11 -7.87 24.59
CA GLY A 308 10.25 -8.70 24.93
C GLY A 308 11.52 -7.94 24.52
N ARG A 309 11.34 -6.72 24.03
CA ARG A 309 12.44 -5.85 23.59
C ARG A 309 11.94 -4.43 23.63
N SER A 310 12.86 -3.47 23.61
CA SER A 310 12.47 -2.06 23.63
C SER A 310 12.14 -1.64 22.20
N CYS A 311 11.35 -0.58 22.08
CA CYS A 311 10.98 -0.08 20.76
C CYS A 311 12.19 0.73 20.24
N GLN A 312 12.32 0.85 18.93
CA GLN A 312 13.42 1.59 18.32
C GLN A 312 13.02 2.99 17.93
N LEU A 313 13.95 3.92 18.04
CA LEU A 313 13.74 5.30 17.69
C LEU A 313 13.58 5.44 16.18
N ASN A 314 12.97 6.54 15.78
CA ASN A 314 12.76 6.86 14.38
C ASN A 314 13.83 7.92 14.13
N ALA A 315 14.27 8.05 12.90
CA ALA A 315 15.28 9.03 12.55
C ALA A 315 14.65 10.05 11.60
N PHE A 316 15.05 11.31 11.75
CA PHE A 316 14.54 12.40 10.92
C PHE A 316 15.70 13.18 10.33
N GLY A 317 15.61 13.45 9.02
CA GLY A 317 16.64 14.20 8.33
C GLY A 317 15.94 15.22 7.46
N ASN A 318 16.13 16.51 7.72
CA ASN A 318 15.51 17.58 6.94
C ASN A 318 14.01 17.34 6.85
N SER A 319 13.40 16.94 7.96
CA SER A 319 11.96 16.66 7.99
C SER A 319 11.20 17.28 9.15
N GLY A 320 9.88 17.11 9.11
CA GLY A 320 9.04 17.64 10.15
C GLY A 320 9.21 16.72 11.36
N SER A 321 8.61 17.09 12.48
CA SER A 321 8.72 16.29 13.71
C SER A 321 7.50 15.45 13.98
N MET A 322 7.65 14.52 14.92
CA MET A 322 6.58 13.62 15.32
C MET A 322 6.83 13.15 16.74
N SER A 323 5.79 13.16 17.57
CA SER A 323 5.94 12.73 18.94
C SER A 323 4.58 12.34 19.50
N GLY A 324 4.46 11.05 19.83
CA GLY A 324 3.24 10.49 20.39
C GLY A 324 3.71 9.46 21.40
N SER A 325 3.08 9.42 22.57
CA SER A 325 3.50 8.45 23.56
C SER A 325 2.34 7.69 24.21
N ASP A 326 1.35 7.35 23.39
CA ASP A 326 0.22 6.61 23.91
C ASP A 326 0.59 5.15 24.13
N THR A 327 1.04 4.85 25.35
CA THR A 327 1.43 3.49 25.71
C THR A 327 0.30 2.45 25.66
N SER A 328 -0.94 2.90 25.62
CA SER A 328 -2.06 1.97 25.56
C SER A 328 -2.02 1.14 24.28
N ILE A 329 -1.28 1.62 23.28
CA ILE A 329 -1.19 0.90 22.02
C ILE A 329 -0.29 -0.34 22.17
N ILE A 330 0.72 -0.23 23.03
CA ILE A 330 1.65 -1.32 23.27
C ILE A 330 0.95 -2.60 23.73
N SER A 331 -0.04 -2.46 24.61
CA SER A 331 -0.76 -3.61 25.11
C SER A 331 -1.65 -4.33 24.08
N LYS A 332 -1.89 -3.71 22.93
CA LYS A 332 -2.72 -4.33 21.90
C LYS A 332 -1.94 -5.44 21.21
N PHE A 333 -0.61 -5.42 21.33
CA PHE A 333 0.26 -6.44 20.72
C PHE A 333 0.49 -7.70 21.57
N ALA A 334 -0.04 -7.73 22.79
CA ALA A 334 0.14 -8.88 23.67
C ALA A 334 -0.23 -10.24 23.05
N GLY A 335 0.74 -11.14 22.98
CA GLY A 335 0.50 -12.47 22.43
C GLY A 335 0.56 -12.60 20.92
N LYS A 336 0.75 -11.47 20.21
CA LYS A 336 0.83 -11.47 18.75
C LYS A 336 2.26 -11.66 18.22
N THR A 337 2.39 -12.08 16.98
CA THR A 337 3.70 -12.28 16.36
C THR A 337 4.08 -10.85 15.97
N ILE A 338 5.10 -10.30 16.63
CA ILE A 338 5.57 -8.95 16.38
C ILE A 338 6.83 -8.94 15.54
N ALA A 339 6.82 -8.19 14.44
CA ALA A 339 8.01 -8.12 13.59
C ALA A 339 9.20 -7.49 14.32
N ALA A 340 10.40 -8.01 14.01
CA ALA A 340 11.65 -7.53 14.61
C ALA A 340 11.92 -6.12 14.10
N ALA A 341 12.60 -5.32 14.90
CA ALA A 341 12.91 -3.96 14.55
C ALA A 341 14.39 -3.67 14.75
N HIS A 342 15.01 -3.11 13.72
CA HIS A 342 16.41 -2.75 13.75
C HIS A 342 16.53 -1.26 14.01
N PRO A 343 17.68 -0.78 14.53
CA PRO A 343 17.85 0.65 14.80
C PRO A 343 17.72 1.38 13.47
N PRO A 344 17.37 2.66 13.49
CA PRO A 344 17.22 3.41 12.24
C PRO A 344 18.49 3.72 11.43
N GLY A 345 19.65 3.65 12.07
CA GLY A 345 20.92 3.95 11.42
C GLY A 345 21.31 3.38 10.06
N ALA A 346 21.03 2.11 9.82
CA ALA A 346 21.39 1.51 8.53
C ALA A 346 20.18 1.27 7.61
N ILE A 347 19.00 1.64 8.09
CA ILE A 347 17.74 1.48 7.34
C ILE A 347 17.68 2.11 5.96
N ALA A 348 18.00 3.39 5.84
CA ALA A 348 17.93 4.05 4.56
C ALA A 348 18.73 3.37 3.46
N GLN A 349 20.00 3.09 3.77
CA GLN A 349 20.88 2.45 2.83
C GLN A 349 20.34 1.11 2.34
N TRP A 350 20.03 0.23 3.28
CA TRP A 350 19.53 -1.09 2.96
C TRP A 350 18.21 -1.11 2.20
N THR A 351 17.25 -0.31 2.66
CA THR A 351 15.94 -0.22 2.04
C THR A 351 15.98 0.15 0.57
N MET A 352 16.84 1.11 0.22
CA MET A 352 16.98 1.56 -1.17
C MET A 352 17.45 0.44 -2.09
N LYS A 353 18.28 -0.47 -1.57
CA LYS A 353 18.75 -1.55 -2.41
C LYS A 353 17.95 -2.85 -2.29
N ASN A 354 17.15 -2.98 -1.25
CA ASN A 354 16.37 -4.20 -1.08
C ASN A 354 14.85 -4.16 -1.24
N ALA A 355 14.26 -2.97 -1.29
CA ALA A 355 12.80 -2.86 -1.43
C ALA A 355 12.31 -2.81 -2.85
N GLY A 356 11.21 -3.52 -3.12
CA GLY A 356 10.61 -3.55 -4.44
C GLY A 356 10.87 -4.80 -5.25
N GLN A 357 10.22 -4.84 -6.41
CA GLN A 357 10.32 -5.95 -7.34
C GLN A 357 11.72 -5.97 -7.95
N GLY A 358 12.21 -7.17 -8.21
CA GLY A 358 13.53 -7.32 -8.79
C GLY A 358 14.70 -7.27 -7.82
N LYS A 359 14.46 -6.98 -6.55
CA LYS A 359 15.52 -6.91 -5.55
C LYS A 359 15.62 -8.24 -4.80
#